data_4ZXG
#
_entry.id   4ZXG
#
_cell.length_a   86.4
_cell.length_b   60.9
_cell.length_c   74.8
_cell.angle_alpha   90.00
_cell.angle_beta   90.00
_cell.angle_gamma   90.00
#
_symmetry.space_group_name_H-M   'P 21 21 2'
#
loop_
_entity.id
_entity.type
_entity.pdbx_description
1 polymer 'Glutathione S-transferase'
2 non-polymer 'SULFATE ION'
3 non-polymer GLYCEROL
4 non-polymer '2-(N-MORPHOLINO)-ETHANESULFONIC ACID'
5 water water
#
_entity_poly.entity_id   1
_entity_poly.type   'polypeptide(L)'
_entity_poly.pdbx_seq_one_letter_code
;DNIVLYYFDARGKAELIRLIFAYLGIEYTDKRFGVNGDAFVEFKNFKKEKDTPFEQVPILQIGDLILAQSQAIVRYLSKK
YNICGESELNEFYADMIFCGVQDIHYKFNNTNLFKQNETTFLNEDLPKWSGYFEKLLKKNHTNNNNDKYYFVGNNLTYAD
LAVFNLYDDIETKYPSSLKNFPLLKAHNEFISNLPNIKNYITNRK
;
_entity_poly.pdbx_strand_id   A,B
#
# COMPACT_ATOMS: atom_id res chain seq x y z
N ASP A 1 -17.13 9.31 -28.65
CA ASP A 1 -18.19 10.27 -28.36
C ASP A 1 -17.73 11.40 -27.41
N ASN A 2 -18.40 11.56 -26.29
CA ASN A 2 -17.79 12.29 -25.24
C ASN A 2 -17.49 11.13 -24.31
N ILE A 3 -16.24 10.71 -24.28
CA ILE A 3 -15.84 9.65 -23.35
C ILE A 3 -15.01 10.23 -22.27
N VAL A 4 -15.42 9.99 -21.03
CA VAL A 4 -14.71 10.45 -19.88
C VAL A 4 -14.43 9.28 -18.94
N LEU A 5 -13.19 9.15 -18.52
CA LEU A 5 -12.81 8.20 -17.49
C LEU A 5 -12.57 8.96 -16.23
N TYR A 6 -13.23 8.56 -15.17
CA TYR A 6 -13.07 9.16 -13.86
C TYR A 6 -12.37 8.21 -12.90
N TYR A 7 -11.31 8.69 -12.30
CA TYR A 7 -10.61 7.95 -11.30
C TYR A 7 -9.75 8.89 -10.51
N PHE A 8 -9.01 8.35 -9.57
CA PHE A 8 -8.02 9.08 -8.87
C PHE A 8 -6.80 9.31 -9.76
N ASP A 9 -5.92 10.18 -9.31
CA ASP A 9 -4.73 10.48 -10.06
C ASP A 9 -3.71 9.44 -9.71
N ALA A 10 -3.95 8.26 -10.23
CA ALA A 10 -3.19 7.08 -9.90
C ALA A 10 -3.45 6.04 -10.94
N ARG A 11 -2.61 5.03 -11.01
CA ARG A 11 -2.89 3.94 -11.88
C ARG A 11 -3.96 2.99 -11.38
N GLY A 12 -3.74 2.38 -10.25
CA GLY A 12 -4.78 1.63 -9.58
C GLY A 12 -5.48 0.64 -10.49
N LYS A 13 -6.78 0.69 -10.42
CA LYS A 13 -7.66 -0.12 -11.19
C LYS A 13 -8.10 0.53 -12.51
N ALA A 14 -7.65 1.75 -12.71
CA ALA A 14 -7.89 2.41 -13.94
C ALA A 14 -6.89 2.16 -15.04
N GLU A 15 -5.68 1.82 -14.69
CA GLU A 15 -4.63 1.86 -15.66
C GLU A 15 -4.86 0.92 -16.83
N LEU A 16 -5.41 -0.24 -16.57
CA LEU A 16 -5.64 -1.18 -17.64
C LEU A 16 -6.60 -0.58 -18.66
N ILE A 17 -7.60 0.13 -18.17
CA ILE A 17 -8.53 0.77 -19.07
C ILE A 17 -7.81 1.81 -19.90
N ARG A 18 -6.93 2.55 -19.28
CA ARG A 18 -6.17 3.56 -20.00
C ARG A 18 -5.27 2.93 -21.05
N LEU A 19 -4.67 1.81 -20.72
CA LEU A 19 -3.84 1.07 -21.67
C LEU A 19 -4.63 0.59 -22.87
N ILE A 20 -5.84 0.12 -22.63
CA ILE A 20 -6.72 -0.30 -23.69
C ILE A 20 -7.08 0.85 -24.62
N PHE A 21 -7.42 1.97 -24.06
CA PHE A 21 -7.70 3.13 -24.88
C PHE A 21 -6.49 3.54 -25.69
N ALA A 22 -5.32 3.49 -25.08
CA ALA A 22 -4.12 3.79 -25.81
C ALA A 22 -3.88 2.83 -26.92
N TYR A 23 -4.00 1.55 -26.65
CA TYR A 23 -3.76 0.55 -27.64
C TYR A 23 -4.70 0.72 -28.82
N LEU A 24 -5.96 0.93 -28.54
CA LEU A 24 -6.97 1.07 -29.57
C LEU A 24 -6.97 2.45 -30.25
N GLY A 25 -6.24 3.38 -29.71
CA GLY A 25 -6.33 4.75 -30.12
C GLY A 25 -7.65 5.46 -29.98
N ILE A 26 -8.32 5.28 -28.86
CA ILE A 26 -9.57 5.93 -28.60
C ILE A 26 -9.30 7.17 -27.79
N GLU A 27 -9.84 8.31 -28.22
CA GLU A 27 -9.68 9.56 -27.48
C GLU A 27 -10.66 9.63 -26.38
N TYR A 28 -10.23 10.12 -25.25
CA TYR A 28 -11.09 10.27 -24.11
C TYR A 28 -10.54 11.30 -23.18
N THR A 29 -11.36 11.73 -22.25
CA THR A 29 -10.90 12.63 -21.25
C THR A 29 -10.56 11.83 -20.02
N ASP A 30 -9.35 11.97 -19.59
CA ASP A 30 -8.86 11.28 -18.44
C ASP A 30 -8.97 12.17 -17.25
N LYS A 31 -10.07 12.06 -16.51
CA LYS A 31 -10.30 12.92 -15.41
C LYS A 31 -9.79 12.28 -14.17
N ARG A 32 -8.92 12.98 -13.48
CA ARG A 32 -8.26 12.43 -12.35
C ARG A 32 -8.50 13.23 -11.11
N PHE A 33 -9.00 12.61 -10.06
CA PHE A 33 -9.17 13.28 -8.82
C PHE A 33 -7.87 13.57 -8.12
N GLY A 34 -7.74 14.74 -7.54
CA GLY A 34 -6.58 15.03 -6.74
C GLY A 34 -5.29 15.37 -7.42
N VAL A 35 -5.39 15.82 -8.66
CA VAL A 35 -4.21 16.19 -9.36
C VAL A 35 -3.61 17.35 -8.62
N ASN A 36 -4.47 18.30 -8.25
CA ASN A 36 -4.06 19.46 -7.51
C ASN A 36 -4.64 19.67 -6.16
N GLY A 37 -5.91 19.31 -6.03
CA GLY A 37 -6.68 19.50 -4.85
C GLY A 37 -6.85 18.26 -4.02
N ASP A 38 -7.84 18.29 -3.15
CA ASP A 38 -8.05 17.21 -2.20
C ASP A 38 -8.81 16.17 -2.97
N ALA A 39 -8.20 15.02 -3.14
CA ALA A 39 -8.80 13.97 -3.93
C ALA A 39 -10.12 13.49 -3.36
N PHE A 40 -10.19 13.40 -2.05
CA PHE A 40 -11.39 13.00 -1.38
C PHE A 40 -12.58 13.95 -1.48
N VAL A 41 -12.31 15.24 -1.47
CA VAL A 41 -13.36 16.18 -1.71
C VAL A 41 -13.88 16.06 -3.10
N GLU A 42 -12.98 15.92 -4.05
CA GLU A 42 -13.36 15.80 -5.43
C GLU A 42 -14.19 14.56 -5.63
N PHE A 43 -13.75 13.46 -5.03
CA PHE A 43 -14.50 12.19 -5.12
C PHE A 43 -15.87 12.30 -4.49
N LYS A 44 -15.94 12.94 -3.33
CA LYS A 44 -17.20 13.13 -2.66
C LYS A 44 -18.17 13.94 -3.51
N ASN A 45 -17.72 15.02 -4.09
CA ASN A 45 -18.54 15.78 -4.99
C ASN A 45 -18.94 15.02 -6.24
N PHE A 46 -18.06 14.18 -6.74
CA PHE A 46 -18.35 13.41 -7.92
C PHE A 46 -19.52 12.47 -7.68
N LYS A 47 -19.50 11.86 -6.52
CA LYS A 47 -20.49 10.91 -6.17
C LYS A 47 -21.87 11.54 -6.04
N LYS A 48 -21.89 12.73 -5.52
CA LYS A 48 -23.09 13.53 -5.45
C LYS A 48 -23.62 13.90 -6.80
N GLU A 49 -22.76 14.34 -7.68
CA GLU A 49 -23.07 14.69 -9.03
C GLU A 49 -23.40 13.58 -9.99
N LYS A 50 -22.76 12.44 -9.83
CA LYS A 50 -22.93 11.36 -10.76
C LYS A 50 -23.63 10.23 -10.05
N ASP A 51 -24.45 9.52 -10.77
CA ASP A 51 -25.23 8.46 -10.19
C ASP A 51 -24.38 7.21 -10.39
N THR A 52 -23.71 6.78 -9.35
CA THR A 52 -22.90 5.59 -9.44
C THR A 52 -23.60 4.47 -8.74
N PRO A 53 -23.45 3.27 -9.28
CA PRO A 53 -24.07 2.11 -8.69
C PRO A 53 -23.55 1.71 -7.32
N PHE A 54 -22.25 1.80 -7.12
CA PHE A 54 -21.61 1.33 -5.92
C PHE A 54 -20.77 2.37 -5.18
N GLU A 55 -20.87 3.63 -5.58
CA GLU A 55 -20.07 4.67 -5.02
C GLU A 55 -18.59 4.40 -5.14
N GLN A 56 -18.23 3.86 -6.26
CA GLN A 56 -16.86 3.54 -6.55
C GLN A 56 -16.41 4.07 -7.90
N VAL A 57 -15.12 4.25 -8.05
CA VAL A 57 -14.50 4.50 -9.32
C VAL A 57 -13.50 3.36 -9.51
N PRO A 58 -13.09 3.09 -10.74
CA PRO A 58 -13.39 3.92 -11.92
C PRO A 58 -14.80 3.94 -12.44
N ILE A 59 -15.13 5.05 -13.08
CA ILE A 59 -16.35 5.23 -13.82
C ILE A 59 -15.97 5.63 -15.23
N LEU A 60 -16.55 4.99 -16.20
CA LEU A 60 -16.38 5.40 -17.55
C LEU A 60 -17.71 5.91 -18.04
N GLN A 61 -17.76 7.16 -18.51
CA GLN A 61 -18.98 7.72 -19.04
C GLN A 61 -18.84 7.88 -20.55
N ILE A 62 -19.79 7.34 -21.26
CA ILE A 62 -19.86 7.47 -22.67
C ILE A 62 -21.17 8.15 -22.97
N GLY A 63 -21.11 9.38 -23.43
CA GLY A 63 -22.31 10.15 -23.56
C GLY A 63 -22.86 10.34 -22.20
N ASP A 64 -24.09 9.95 -21.99
CA ASP A 64 -24.70 10.05 -20.69
C ASP A 64 -24.71 8.73 -19.96
N LEU A 65 -24.18 7.73 -20.63
CA LEU A 65 -24.13 6.39 -20.09
C LEU A 65 -23.00 6.21 -19.07
N ILE A 66 -23.33 5.71 -17.89
CA ILE A 66 -22.37 5.48 -16.84
C ILE A 66 -22.07 4.00 -16.64
N LEU A 67 -20.81 3.67 -16.76
CA LEU A 67 -20.31 2.31 -16.62
C LEU A 67 -19.38 2.23 -15.44
N ALA A 68 -19.58 1.24 -14.61
CA ALA A 68 -18.78 1.04 -13.42
C ALA A 68 -18.18 -0.38 -13.35
N GLN A 69 -17.17 -0.48 -12.51
CA GLN A 69 -16.43 -1.70 -12.19
C GLN A 69 -15.32 -2.01 -13.19
N SER A 70 -14.18 -1.80 -12.89
N SER A 70 -14.18 -1.83 -12.86
CA SER A 70 -13.11 -1.83 -13.86
CA SER A 70 -13.07 -1.87 -13.77
C SER A 70 -13.13 -3.11 -14.68
C SER A 70 -13.06 -3.09 -14.64
N GLN A 71 -13.23 -4.26 -14.02
CA GLN A 71 -13.19 -5.47 -14.86
C GLN A 71 -14.29 -5.58 -15.87
N ALA A 72 -15.48 -5.17 -15.48
CA ALA A 72 -16.61 -5.20 -16.39
C ALA A 72 -16.42 -4.26 -17.54
N ILE A 73 -15.87 -3.10 -17.26
CA ILE A 73 -15.54 -2.15 -18.30
C ILE A 73 -14.50 -2.74 -19.27
N VAL A 74 -13.50 -3.37 -18.72
CA VAL A 74 -12.50 -4.00 -19.55
C VAL A 74 -13.12 -5.05 -20.44
N ARG A 75 -13.95 -5.89 -19.91
CA ARG A 75 -14.59 -6.89 -20.73
C ARG A 75 -15.48 -6.27 -21.82
N TYR A 76 -16.21 -5.22 -21.49
CA TYR A 76 -17.07 -4.59 -22.45
C TYR A 76 -16.30 -3.97 -23.62
N LEU A 77 -15.25 -3.24 -23.32
CA LEU A 77 -14.44 -2.67 -24.34
C LEU A 77 -13.77 -3.75 -25.18
N SER A 78 -13.31 -4.78 -24.52
CA SER A 78 -12.59 -5.82 -25.22
C SER A 78 -13.46 -6.54 -26.24
N LYS A 79 -14.70 -6.76 -25.90
CA LYS A 79 -15.64 -7.34 -26.84
C LYS A 79 -15.91 -6.43 -27.99
N LYS A 80 -16.10 -5.18 -27.68
CA LYS A 80 -16.43 -4.21 -28.67
C LYS A 80 -15.33 -4.06 -29.66
N TYR A 81 -14.12 -4.07 -29.19
CA TYR A 81 -12.98 -3.80 -30.03
C TYR A 81 -12.14 -5.01 -30.35
N ASN A 82 -12.72 -6.17 -30.25
CA ASN A 82 -12.08 -7.36 -30.75
C ASN A 82 -10.75 -7.67 -30.13
N ILE A 83 -10.65 -7.53 -28.83
CA ILE A 83 -9.48 -8.02 -28.13
C ILE A 83 -9.84 -9.03 -27.06
N CYS A 84 -10.86 -9.80 -27.29
CA CYS A 84 -11.28 -10.79 -26.34
C CYS A 84 -11.09 -12.24 -26.79
N GLY A 85 -10.51 -12.45 -27.94
CA GLY A 85 -10.34 -13.79 -28.43
C GLY A 85 -11.42 -14.10 -29.41
N GLU A 86 -11.11 -14.94 -30.37
CA GLU A 86 -11.95 -15.19 -31.52
C GLU A 86 -12.69 -16.52 -31.57
N SER A 87 -12.79 -17.17 -30.43
CA SER A 87 -13.62 -18.33 -30.26
C SER A 87 -14.18 -18.37 -28.86
N GLU A 88 -15.18 -19.20 -28.64
CA GLU A 88 -15.78 -19.27 -27.34
C GLU A 88 -14.77 -19.71 -26.31
N LEU A 89 -13.98 -20.68 -26.67
CA LEU A 89 -12.95 -21.16 -25.79
C LEU A 89 -11.87 -20.13 -25.53
N ASN A 90 -11.41 -19.46 -26.55
CA ASN A 90 -10.41 -18.44 -26.38
C ASN A 90 -10.88 -17.25 -25.54
N GLU A 91 -12.14 -16.90 -25.68
CA GLU A 91 -12.72 -15.87 -24.86
C GLU A 91 -12.68 -16.32 -23.41
N PHE A 92 -13.00 -17.57 -23.16
CA PHE A 92 -12.93 -18.07 -21.82
C PHE A 92 -11.51 -18.02 -21.27
N TYR A 93 -10.55 -18.46 -22.06
CA TYR A 93 -9.18 -18.45 -21.59
C TYR A 93 -8.65 -17.05 -21.29
N ALA A 94 -8.97 -16.07 -22.11
CA ALA A 94 -8.55 -14.73 -21.79
C ALA A 94 -9.16 -14.27 -20.47
N ASP A 95 -10.43 -14.59 -20.26
CA ASP A 95 -11.13 -14.24 -19.05
C ASP A 95 -10.49 -14.98 -17.90
N MET A 96 -10.34 -16.28 -18.07
CA MET A 96 -9.55 -17.05 -17.00
CA MET A 96 -9.63 -17.01 -16.93
C MET A 96 -8.19 -16.41 -16.44
N ILE A 97 -7.43 -16.08 -17.47
CA ILE A 97 -6.15 -15.48 -17.26
C ILE A 97 -6.27 -14.12 -16.55
N PHE A 98 -7.23 -13.32 -16.97
CA PHE A 98 -7.47 -12.06 -16.29
C PHE A 98 -7.88 -12.29 -14.84
N CYS A 99 -8.68 -13.30 -14.60
CA CYS A 99 -9.08 -13.59 -13.25
C CYS A 99 -7.87 -13.92 -12.40
N GLY A 100 -6.94 -14.65 -12.98
CA GLY A 100 -5.70 -14.93 -12.31
C GLY A 100 -4.90 -13.68 -12.04
N VAL A 101 -4.86 -12.78 -13.00
CA VAL A 101 -4.17 -11.51 -12.82
C VAL A 101 -4.77 -10.75 -11.66
N GLN A 102 -6.07 -10.76 -11.57
CA GLN A 102 -6.73 -10.02 -10.52
C GLN A 102 -6.29 -10.53 -9.17
N ASP A 103 -6.14 -11.83 -9.06
CA ASP A 103 -5.78 -12.41 -7.81
C ASP A 103 -4.43 -12.00 -7.28
N ILE A 104 -3.41 -12.17 -8.11
CA ILE A 104 -2.08 -11.73 -7.75
C ILE A 104 -1.95 -10.21 -7.64
N HIS A 105 -2.66 -9.49 -8.47
CA HIS A 105 -2.64 -8.05 -8.40
C HIS A 105 -3.18 -7.52 -7.10
N TYR A 106 -4.26 -8.12 -6.63
CA TYR A 106 -4.81 -7.78 -5.37
C TYR A 106 -3.81 -8.08 -4.27
N LYS A 107 -3.11 -9.18 -4.38
CA LYS A 107 -2.10 -9.51 -3.39
C LYS A 107 -0.97 -8.48 -3.36
N PHE A 108 -0.54 -8.04 -4.52
CA PHE A 108 0.50 -7.02 -4.58
C PHE A 108 0.01 -5.78 -3.85
N ASN A 109 -1.24 -5.44 -4.07
CA ASN A 109 -1.78 -4.28 -3.45
C ASN A 109 -2.02 -4.42 -1.97
N ASN A 110 -1.93 -5.62 -1.46
CA ASN A 110 -2.08 -5.88 -0.06
C ASN A 110 -0.75 -6.10 0.62
N THR A 111 0.31 -5.84 -0.10
CA THR A 111 1.64 -6.11 0.38
C THR A 111 2.29 -4.82 0.78
N ASN A 112 2.82 -4.78 1.98
CA ASN A 112 3.54 -3.60 2.41
C ASN A 112 4.45 -3.85 3.61
N LEU A 113 5.30 -2.88 3.89
CA LEU A 113 6.28 -2.98 4.93
C LEU A 113 5.66 -3.17 6.31
N PHE A 114 4.65 -2.41 6.59
CA PHE A 114 4.03 -2.44 7.89
C PHE A 114 3.47 -3.82 8.16
N LYS A 115 2.97 -4.47 7.14
CA LYS A 115 2.38 -5.76 7.29
C LYS A 115 3.39 -6.89 7.27
N GLN A 116 4.62 -6.56 6.95
CA GLN A 116 5.74 -7.46 6.95
C GLN A 116 5.57 -8.63 6.03
N ASN A 117 4.84 -8.42 4.95
CA ASN A 117 4.60 -9.45 3.97
C ASN A 117 5.32 -9.24 2.63
N GLU A 118 6.26 -8.32 2.59
CA GLU A 118 6.98 -8.05 1.39
C GLU A 118 7.85 -9.19 0.94
N THR A 119 8.55 -9.79 1.88
CA THR A 119 9.42 -10.88 1.54
C THR A 119 8.67 -12.11 1.07
N THR A 120 7.59 -12.49 1.72
CA THR A 120 6.81 -13.59 1.21
C THR A 120 6.20 -13.24 -0.16
N PHE A 121 5.73 -12.01 -0.38
CA PHE A 121 5.20 -11.66 -1.69
C PHE A 121 6.31 -11.79 -2.70
N LEU A 122 7.44 -11.22 -2.34
CA LEU A 122 8.57 -11.29 -3.50
CA LEU A 122 8.60 -11.29 -3.48
C LEU A 122 9.09 -12.77 -3.84
N ASN A 123 9.39 -13.26 -2.65
CA ASN A 123 9.95 -14.60 -2.51
C ASN A 123 9.11 -15.82 -2.79
N GLU A 124 7.85 -15.77 -2.42
CA GLU A 124 6.93 -16.90 -2.58
C GLU A 124 5.60 -16.84 -3.27
N ASP A 125 5.04 -15.66 -3.48
CA ASP A 125 3.68 -15.54 -4.03
C ASP A 125 3.92 -15.14 -5.48
N LEU A 126 4.71 -14.11 -5.71
CA LEU A 126 4.92 -13.65 -7.04
C LEU A 126 5.62 -14.67 -7.95
N PRO A 127 6.65 -15.33 -7.47
CA PRO A 127 7.32 -16.31 -8.32
C PRO A 127 6.38 -17.41 -8.73
N LYS A 128 5.53 -17.83 -7.83
CA LYS A 128 4.59 -18.86 -8.13
C LYS A 128 3.62 -18.46 -9.25
N TRP A 129 3.07 -17.25 -9.15
CA TRP A 129 2.23 -16.72 -10.20
C TRP A 129 2.98 -16.49 -11.49
N SER A 130 4.20 -16.00 -11.40
CA SER A 130 4.99 -15.79 -12.59
C SER A 130 5.17 -17.14 -13.29
N GLY A 131 5.31 -18.19 -12.50
CA GLY A 131 5.38 -19.51 -13.05
C GLY A 131 4.12 -19.97 -13.76
N TYR A 132 2.97 -19.64 -13.17
CA TYR A 132 1.74 -19.96 -13.79
C TYR A 132 1.61 -19.28 -15.14
N PHE A 133 1.96 -18.02 -15.21
CA PHE A 133 1.90 -17.30 -16.46
C PHE A 133 2.91 -17.84 -17.47
N GLU A 134 4.08 -18.16 -16.99
CA GLU A 134 5.11 -18.66 -17.86
C GLU A 134 4.67 -19.96 -18.48
N LYS A 135 4.06 -20.83 -17.71
CA LYS A 135 3.50 -22.06 -18.23
C LYS A 135 2.37 -21.85 -19.23
N LEU A 136 1.52 -20.88 -18.98
CA LEU A 136 0.47 -20.57 -19.91
C LEU A 136 1.00 -20.09 -21.22
N LEU A 137 2.05 -19.28 -21.19
CA LEU A 137 2.67 -18.85 -22.42
C LEU A 137 3.25 -20.02 -23.18
N LYS A 138 3.81 -20.95 -22.46
CA LYS A 138 4.38 -22.12 -23.08
C LYS A 138 3.33 -22.88 -23.84
N LYS A 139 2.13 -23.00 -23.32
CA LYS A 139 1.09 -23.74 -24.00
C LYS A 139 0.72 -23.14 -25.33
N ASN A 140 0.95 -21.86 -25.50
CA ASN A 140 0.64 -21.22 -26.76
C ASN A 140 1.87 -21.07 -27.67
N HIS A 141 2.80 -21.98 -27.53
CA HIS A 141 4.06 -21.90 -28.23
C HIS A 141 3.92 -21.94 -29.74
N THR A 142 2.99 -22.71 -30.24
CA THR A 142 2.91 -22.87 -31.69
N ASN A 143 1.66 -20.84 -31.86
CA ASN A 143 1.32 -19.56 -32.42
C ASN A 143 2.40 -18.54 -32.24
N ASN A 144 3.03 -18.58 -31.09
CA ASN A 144 4.02 -17.58 -30.79
C ASN A 144 5.33 -17.76 -31.55
N ASN A 145 6.12 -16.71 -31.57
CA ASN A 145 7.45 -16.73 -32.14
C ASN A 145 8.27 -15.62 -31.51
N LYS A 148 6.60 -12.38 -31.57
CA LYS A 148 5.26 -12.21 -31.01
C LYS A 148 4.86 -13.20 -29.91
N TYR A 149 4.38 -12.66 -28.79
CA TYR A 149 3.97 -13.45 -27.68
C TYR A 149 2.58 -13.12 -27.28
N TYR A 150 1.69 -14.07 -27.38
CA TYR A 150 0.34 -13.88 -26.92
C TYR A 150 -0.10 -14.99 -25.99
N PHE A 151 -0.84 -14.66 -24.94
CA PHE A 151 -1.40 -15.67 -24.09
C PHE A 151 -2.42 -16.56 -24.76
N VAL A 152 -3.23 -15.97 -25.61
CA VAL A 152 -4.38 -16.63 -26.13
C VAL A 152 -4.44 -16.46 -27.66
N GLY A 153 -4.49 -17.57 -28.36
CA GLY A 153 -4.58 -17.55 -29.79
C GLY A 153 -3.42 -16.87 -30.47
N ASN A 154 -3.65 -16.26 -31.62
CA ASN A 154 -2.59 -15.54 -32.28
C ASN A 154 -2.82 -14.08 -32.49
N ASN A 155 -3.69 -13.49 -31.69
CA ASN A 155 -3.83 -12.07 -31.69
C ASN A 155 -3.78 -11.62 -30.24
N LEU A 156 -3.52 -10.35 -30.05
CA LEU A 156 -3.58 -9.76 -28.76
C LEU A 156 -4.98 -9.80 -28.15
N THR A 157 -5.03 -10.02 -26.85
CA THR A 157 -6.20 -9.91 -26.04
C THR A 157 -5.92 -9.04 -24.83
N TYR A 158 -6.98 -8.67 -24.15
CA TYR A 158 -6.83 -7.89 -22.96
C TYR A 158 -6.03 -8.61 -21.90
N ALA A 159 -6.00 -9.92 -21.96
CA ALA A 159 -5.22 -10.65 -21.00
C ALA A 159 -3.73 -10.28 -21.13
N ASP A 160 -3.29 -10.03 -22.36
CA ASP A 160 -1.91 -9.64 -22.60
C ASP A 160 -1.59 -8.31 -21.96
N LEU A 161 -2.51 -7.39 -22.15
CA LEU A 161 -2.38 -6.11 -21.54
C LEU A 161 -2.43 -6.19 -20.04
N ALA A 162 -3.31 -7.03 -19.52
CA ALA A 162 -3.44 -7.16 -18.09
C ALA A 162 -2.18 -7.70 -17.42
N VAL A 163 -1.59 -8.71 -18.02
CA VAL A 163 -0.36 -9.24 -17.50
C VAL A 163 0.77 -8.21 -17.58
N PHE A 164 0.85 -7.50 -18.69
CA PHE A 164 1.84 -6.47 -18.80
C PHE A 164 1.64 -5.43 -17.68
N ASN A 165 0.41 -5.00 -17.49
CA ASN A 165 0.11 -4.00 -16.53
C ASN A 165 0.43 -4.42 -15.11
N LEU A 166 0.13 -5.65 -14.78
CA LEU A 166 0.41 -6.17 -13.49
C LEU A 166 1.92 -6.11 -13.15
N TYR A 167 2.76 -6.62 -14.03
CA TYR A 167 4.20 -6.55 -13.81
C TYR A 167 4.76 -5.14 -13.84
N ASP A 168 4.20 -4.31 -14.67
CA ASP A 168 4.61 -2.93 -14.73
C ASP A 168 4.33 -2.25 -13.42
N ASP A 169 3.17 -2.52 -12.87
CA ASP A 169 2.78 -1.96 -11.61
C ASP A 169 3.69 -2.45 -10.50
N ILE A 170 3.97 -3.72 -10.48
CA ILE A 170 4.79 -4.26 -9.46
C ILE A 170 6.17 -3.59 -9.52
N GLU A 171 6.66 -3.39 -10.72
CA GLU A 171 7.99 -2.89 -10.92
C GLU A 171 8.17 -1.51 -10.36
N THR A 172 7.11 -0.73 -10.28
CA THR A 172 7.21 0.60 -9.75
C THR A 172 7.58 0.58 -8.31
N LYS A 173 7.26 -0.53 -7.65
CA LYS A 173 7.50 -0.62 -6.23
C LYS A 173 8.64 -1.51 -5.83
N TYR A 174 8.79 -2.61 -6.52
CA TYR A 174 9.69 -3.61 -6.10
C TYR A 174 10.50 -4.03 -7.27
N PRO A 175 11.71 -4.43 -7.01
CA PRO A 175 12.52 -4.96 -8.09
C PRO A 175 11.76 -6.13 -8.57
N SER A 177 12.85 -8.76 -11.47
CA SER A 177 13.79 -8.94 -12.55
C SER A 177 13.16 -9.78 -13.66
N LEU A 178 12.36 -10.76 -13.28
CA LEU A 178 11.73 -11.68 -14.21
C LEU A 178 12.79 -12.46 -14.93
N LYS A 179 13.95 -12.54 -14.32
CA LYS A 179 15.10 -13.23 -14.87
C LYS A 179 14.83 -14.69 -15.08
N ASN A 180 14.12 -15.30 -14.17
CA ASN A 180 13.82 -16.71 -14.17
C ASN A 180 12.61 -17.05 -15.04
N PHE A 181 12.02 -16.03 -15.66
CA PHE A 181 10.80 -16.21 -16.44
C PHE A 181 10.94 -15.61 -17.82
N PRO A 182 11.69 -16.29 -18.68
CA PRO A 182 12.02 -15.73 -19.98
C PRO A 182 10.85 -15.49 -20.89
N LEU A 183 9.90 -16.40 -20.94
CA LEU A 183 8.76 -16.18 -21.81
C LEU A 183 7.93 -14.98 -21.35
N LEU A 184 7.70 -14.90 -20.06
CA LEU A 184 6.94 -13.81 -19.50
C LEU A 184 7.65 -12.50 -19.68
N LYS A 185 8.94 -12.50 -19.44
CA LYS A 185 9.70 -11.31 -19.61
C LYS A 185 9.68 -10.82 -21.06
N ALA A 186 9.84 -11.74 -22.00
CA ALA A 186 9.77 -11.37 -23.39
C ALA A 186 8.41 -10.87 -23.76
N HIS A 187 7.39 -11.50 -23.19
CA HIS A 187 6.04 -11.10 -23.48
C HIS A 187 5.79 -9.70 -23.03
N ASN A 188 6.20 -9.39 -21.83
CA ASN A 188 6.00 -8.06 -21.34
C ASN A 188 6.76 -7.02 -22.15
N GLU A 189 7.96 -7.39 -22.56
CA GLU A 189 8.77 -6.48 -23.33
C GLU A 189 8.10 -6.19 -24.65
N PHE A 190 7.56 -7.23 -25.26
CA PHE A 190 6.89 -7.15 -26.52
C PHE A 190 5.68 -6.27 -26.47
N ILE A 191 4.88 -6.43 -25.43
CA ILE A 191 3.75 -5.55 -25.23
C ILE A 191 4.19 -4.10 -25.02
N SER A 192 5.25 -3.89 -24.27
CA SER A 192 5.72 -2.58 -23.95
C SER A 192 6.17 -1.84 -25.18
N ASN A 193 6.49 -2.58 -26.21
CA ASN A 193 7.02 -2.02 -27.44
C ASN A 193 6.04 -1.87 -28.58
N LEU A 194 4.80 -2.23 -28.35
CA LEU A 194 3.79 -1.98 -29.32
C LEU A 194 3.69 -0.48 -29.42
N PRO A 195 3.68 0.06 -30.61
CA PRO A 195 3.90 1.50 -30.73
C PRO A 195 2.89 2.34 -29.96
N ASN A 196 1.61 2.04 -30.00
CA ASN A 196 0.65 2.81 -29.23
C ASN A 196 0.90 2.71 -27.74
N ILE A 197 1.26 1.52 -27.27
CA ILE A 197 1.66 1.37 -25.90
C ILE A 197 2.96 2.06 -25.49
N LYS A 198 3.98 1.94 -26.29
CA LYS A 198 5.26 2.55 -25.95
C LYS A 198 5.07 4.04 -25.83
N ASN A 199 4.35 4.59 -26.77
CA ASN A 199 4.10 6.00 -26.78
C ASN A 199 3.32 6.45 -25.56
N TYR A 200 2.31 5.68 -25.18
CA TYR A 200 1.51 6.05 -24.03
C TYR A 200 2.37 6.05 -22.80
N ILE A 201 3.18 5.04 -22.68
CA ILE A 201 4.03 4.88 -21.54
C ILE A 201 5.03 6.02 -21.43
N THR A 202 5.64 6.33 -22.54
CA THR A 202 6.66 7.34 -22.45
C THR A 202 6.04 8.63 -21.97
N ASN A 203 4.82 8.92 -22.41
CA ASN A 203 4.17 10.15 -22.03
C ASN A 203 3.52 10.18 -20.68
N ARG A 204 3.45 9.05 -20.03
CA ARG A 204 2.70 8.94 -18.83
C ARG A 204 3.32 9.63 -17.63
N LYS A 205 2.52 10.28 -16.81
C LYS A 205 3.31 9.67 -14.59
N ASP B 1 25.07 1.29 25.19
CA ASP B 1 26.37 0.77 24.83
C ASP B 1 26.44 0.11 23.47
N ASN B 2 26.73 0.86 22.42
C ASN B 2 25.22 -0.27 20.62
N ILE B 3 24.23 0.57 20.79
CA ILE B 3 22.88 0.31 20.37
C ILE B 3 22.66 0.53 18.87
N VAL B 4 22.13 -0.48 18.22
CA VAL B 4 21.81 -0.39 16.81
C VAL B 4 20.35 -0.79 16.58
N LEU B 5 19.62 0.06 15.89
CA LEU B 5 18.29 -0.27 15.40
C LEU B 5 18.38 -0.62 13.95
N TYR B 6 17.88 -1.79 13.57
CA TYR B 6 17.88 -2.21 12.19
C TYR B 6 16.48 -2.29 11.63
N TYR B 7 16.25 -1.63 10.52
CA TYR B 7 14.95 -1.62 9.85
C TYR B 7 15.14 -1.19 8.40
N PHE B 8 14.05 -1.10 7.68
CA PHE B 8 14.05 -0.49 6.38
C PHE B 8 14.13 1.03 6.49
N ASP B 9 14.39 1.71 5.38
CA ASP B 9 14.51 3.15 5.40
C ASP B 9 13.12 3.71 5.30
N ALA B 10 12.40 3.59 6.40
CA ALA B 10 10.99 3.93 6.45
C ALA B 10 10.59 4.08 7.87
N ARG B 11 9.48 4.75 8.12
CA ARG B 11 8.99 4.81 9.45
C ARG B 11 8.40 3.50 9.93
N GLY B 12 7.35 3.05 9.30
CA GLY B 12 6.83 1.73 9.56
C GLY B 12 6.58 1.43 11.02
N LYS B 13 7.03 0.27 11.45
CA LYS B 13 6.91 -0.13 12.83
C LYS B 13 8.12 0.21 13.68
N ALA B 14 9.13 0.78 13.07
CA ALA B 14 10.27 1.24 13.80
C ALA B 14 10.13 2.65 14.34
N GLU B 15 9.23 3.44 13.78
CA GLU B 15 9.21 4.85 14.11
C GLU B 15 8.93 5.14 15.57
N LEU B 16 8.06 4.36 16.17
CA LEU B 16 7.76 4.58 17.56
C LEU B 16 9.00 4.36 18.41
N ILE B 17 9.80 3.38 18.07
CA ILE B 17 11.02 3.14 18.78
C ILE B 17 11.98 4.34 18.61
N ARG B 18 12.05 4.87 17.42
CA ARG B 18 12.88 6.04 17.17
C ARG B 18 12.39 7.23 17.95
N LEU B 19 11.10 7.41 18.04
CA LEU B 19 10.54 8.47 18.87
C LEU B 19 10.82 8.32 20.35
N ILE B 20 10.80 7.10 20.84
CA ILE B 20 11.16 6.89 22.22
C ILE B 20 12.64 7.25 22.45
N PHE B 21 13.53 6.79 21.61
CA PHE B 21 14.94 7.09 21.79
C PHE B 21 15.15 8.59 21.71
N ALA B 22 14.48 9.23 20.77
CA ALA B 22 14.61 10.67 20.67
C ALA B 22 14.10 11.34 21.93
N TYR B 23 12.97 10.92 22.43
CA TYR B 23 12.45 11.50 23.66
C TYR B 23 13.37 11.28 24.86
N LEU B 24 13.91 10.09 24.99
CA LEU B 24 14.72 9.74 26.13
C LEU B 24 16.10 10.30 26.01
N GLY B 25 16.41 10.85 24.87
CA GLY B 25 17.76 11.23 24.52
C GLY B 25 18.79 10.16 24.46
N ILE B 26 18.44 9.02 23.89
CA ILE B 26 19.34 7.91 23.83
C ILE B 26 20.04 7.81 22.48
N GLU B 27 21.35 7.69 22.50
CA GLU B 27 22.13 7.65 21.31
C GLU B 27 22.17 6.27 20.76
N TYR B 28 21.94 6.14 19.48
CA TYR B 28 21.94 4.87 18.85
C TYR B 28 22.23 5.02 17.38
N THR B 29 22.59 3.93 16.73
CA THR B 29 22.79 3.97 15.32
C THR B 29 21.50 3.55 14.62
N ASP B 30 20.92 4.46 13.86
CA ASP B 30 19.69 4.18 13.13
C ASP B 30 20.01 3.57 11.78
N LYS B 31 20.11 2.27 11.73
CA LYS B 31 20.51 1.54 10.56
C LYS B 31 19.36 1.17 9.64
N ARG B 32 19.38 1.68 8.42
CA ARG B 32 18.25 1.55 7.50
C ARG B 32 18.63 0.81 6.25
N PHE B 33 17.93 -0.27 5.92
CA PHE B 33 18.22 -0.97 4.71
C PHE B 33 17.78 -0.15 3.53
N GLY B 34 18.54 -0.30 2.47
CA GLY B 34 18.19 0.24 1.19
C GLY B 34 18.37 1.72 1.00
N VAL B 35 19.07 2.41 1.88
CA VAL B 35 19.33 3.81 1.66
C VAL B 35 20.13 3.86 0.36
N ASP B 38 18.63 -1.70 -3.40
CA ASP B 38 18.26 -3.07 -3.12
C ASP B 38 18.09 -3.47 -1.67
N ALA B 39 17.21 -2.73 -1.03
CA ALA B 39 16.86 -2.94 0.35
C ALA B 39 16.68 -4.40 0.62
N PHE B 40 16.03 -5.09 -0.30
CA PHE B 40 15.77 -6.48 -0.15
C PHE B 40 16.96 -7.43 -0.15
N VAL B 41 17.93 -7.16 -1.00
CA VAL B 41 19.15 -7.92 -0.96
C VAL B 41 19.84 -7.68 0.37
N GLU B 42 19.86 -6.45 0.82
CA GLU B 42 20.48 -6.13 2.08
C GLU B 42 19.78 -6.81 3.27
N PHE B 43 18.47 -6.85 3.25
CA PHE B 43 17.70 -7.54 4.26
C PHE B 43 18.00 -9.03 4.24
N LYS B 44 18.11 -9.63 3.08
CA LYS B 44 18.39 -11.04 3.03
C LYS B 44 19.74 -11.32 3.68
N ASN B 45 20.71 -10.47 3.42
CA ASN B 45 22.01 -10.62 4.01
C ASN B 45 22.00 -10.44 5.49
N PHE B 46 21.25 -9.45 5.96
CA PHE B 46 21.17 -9.20 7.39
C PHE B 46 20.65 -10.43 8.11
N LYS B 47 19.63 -11.05 7.54
CA LYS B 47 19.06 -12.23 8.12
C LYS B 47 20.07 -13.36 8.19
N LYS B 48 20.95 -13.48 7.19
CA LYS B 48 22.01 -14.47 7.26
C LYS B 48 23.01 -14.18 8.37
N GLU B 49 23.38 -12.91 8.46
CA GLU B 49 24.35 -12.40 9.41
C GLU B 49 23.91 -12.38 10.85
N LYS B 50 22.66 -12.10 11.08
CA LYS B 50 22.11 -11.89 12.40
C LYS B 50 21.17 -12.99 12.79
N ASP B 51 21.17 -13.35 14.05
CA ASP B 51 20.32 -14.39 14.55
C ASP B 51 18.98 -13.82 15.01
N THR B 52 18.03 -13.71 14.10
CA THR B 52 16.70 -13.21 14.45
C THR B 52 15.74 -14.34 14.75
N PRO B 53 14.85 -14.13 15.71
CA PRO B 53 13.90 -15.17 16.06
C PRO B 53 12.88 -15.52 15.00
N PHE B 54 12.39 -14.52 14.30
CA PHE B 54 11.31 -14.69 13.36
C PHE B 54 11.60 -14.15 11.97
N GLU B 55 12.86 -13.86 11.72
CA GLU B 55 13.29 -13.31 10.45
C GLU B 55 12.58 -12.01 10.10
N GLN B 56 12.36 -11.19 11.10
CA GLN B 56 11.69 -9.93 10.93
C GLN B 56 12.52 -8.81 11.54
N VAL B 57 12.28 -7.60 11.06
CA VAL B 57 12.78 -6.38 11.65
C VAL B 57 11.53 -5.62 12.02
N PRO B 58 11.64 -4.65 12.92
CA PRO B 58 12.91 -4.18 13.46
C PRO B 58 13.58 -5.10 14.43
N ILE B 59 14.89 -4.93 14.49
CA ILE B 59 15.76 -5.53 15.47
C ILE B 59 16.45 -4.42 16.22
N LEU B 60 16.45 -4.51 17.52
CA LEU B 60 17.25 -3.63 18.33
C LEU B 60 18.36 -4.44 18.95
N GLN B 61 19.61 -4.08 18.68
CA GLN B 61 20.71 -4.80 19.24
C GLN B 61 21.37 -3.90 20.25
N ILE B 62 21.49 -4.37 21.47
CA ILE B 62 22.17 -3.63 22.49
C ILE B 62 23.39 -4.46 22.87
N GLY B 63 24.56 -3.99 22.48
CA GLY B 63 25.73 -4.78 22.67
C GLY B 63 25.50 -6.03 21.89
N ASP B 64 25.63 -7.16 22.54
CA ASP B 64 25.48 -8.40 21.85
C ASP B 64 24.05 -8.93 21.87
N LEU B 65 23.18 -8.21 22.55
CA LEU B 65 21.84 -8.66 22.81
C LEU B 65 20.87 -8.27 21.69
N ILE B 66 20.17 -9.25 21.15
CA ILE B 66 19.25 -9.01 20.05
C ILE B 66 17.81 -9.02 20.55
N LEU B 67 17.09 -7.95 20.29
CA LEU B 67 15.71 -7.81 20.66
C LEU B 67 14.86 -7.68 19.41
N ALA B 68 13.76 -8.41 19.35
CA ALA B 68 12.87 -8.37 18.22
C ALA B 68 11.44 -8.11 18.64
N GLN B 69 10.63 -7.73 17.66
CA GLN B 69 9.22 -7.48 17.76
C GLN B 69 8.98 -6.08 18.30
N SER B 70 8.48 -5.22 17.46
CA SER B 70 8.46 -3.83 17.80
C SER B 70 7.73 -3.50 19.08
N GLN B 71 6.54 -4.04 19.26
CA GLN B 71 5.79 -3.76 20.45
C GLN B 71 6.44 -4.23 21.76
N ALA B 72 7.10 -5.37 21.69
CA ALA B 72 7.85 -5.85 22.82
C ALA B 72 9.00 -4.94 23.17
N ILE B 73 9.68 -4.47 22.15
CA ILE B 73 10.79 -3.57 22.34
C ILE B 73 10.29 -2.30 23.00
N VAL B 74 9.18 -1.80 22.51
CA VAL B 74 8.61 -0.61 23.09
C VAL B 74 8.28 -0.81 24.58
N ARG B 75 7.68 -1.93 24.93
CA ARG B 75 7.36 -2.18 26.30
C ARG B 75 8.60 -2.29 27.18
N TYR B 76 9.63 -2.93 26.66
CA TYR B 76 10.84 -3.10 27.40
C TYR B 76 11.50 -1.75 27.71
N LEU B 77 11.62 -0.91 26.69
CA LEU B 77 12.23 0.37 26.86
C LEU B 77 11.42 1.26 27.80
N SER B 78 10.13 1.17 27.68
CA SER B 78 9.26 1.98 28.47
C SER B 78 9.35 1.65 29.95
N LYS B 79 9.47 0.37 30.27
CA LYS B 79 9.67 -0.03 31.64
C LYS B 79 11.00 0.47 32.20
N LYS B 80 12.02 0.32 31.39
CA LYS B 80 13.35 0.65 31.79
C LYS B 80 13.49 2.14 32.09
N TYR B 81 12.83 2.94 31.28
CA TYR B 81 12.92 4.37 31.32
C TYR B 81 11.71 5.11 31.85
N ASN B 82 10.89 4.43 32.61
CA ASN B 82 9.84 5.08 33.35
C ASN B 82 8.83 5.85 32.55
N ILE B 83 8.42 5.29 31.44
CA ILE B 83 7.31 5.83 30.68
C ILE B 83 6.20 4.81 30.46
N CYS B 84 6.03 3.92 31.41
CA CYS B 84 4.98 2.93 31.36
C CYS B 84 3.86 3.10 32.39
N GLY B 85 3.88 4.16 33.16
CA GLY B 85 2.87 4.35 34.16
C GLY B 85 3.41 4.00 35.52
N GLU B 86 2.86 4.61 36.56
CA GLU B 86 3.41 4.48 37.90
C GLU B 86 2.63 3.63 38.88
N SER B 87 1.71 2.85 38.37
CA SER B 87 0.95 1.93 39.15
C SER B 87 0.58 0.72 38.31
N GLU B 88 0.13 -0.34 38.96
CA GLU B 88 -0.27 -1.52 38.23
C GLU B 88 -1.41 -1.24 37.27
N LEU B 89 -2.41 -0.52 37.74
CA LEU B 89 -3.50 -0.14 36.90
C LEU B 89 -3.11 0.78 35.76
N ASN B 90 -2.29 1.77 36.04
CA ASN B 90 -1.81 2.66 35.02
C ASN B 90 -0.94 1.99 33.96
N GLU B 91 -0.13 1.05 34.36
CA GLU B 91 0.64 0.28 33.41
C GLU B 91 -0.31 -0.51 32.49
N PHE B 92 -1.37 -1.03 33.04
CA PHE B 92 -2.35 -1.70 32.24
C PHE B 92 -3.03 -0.74 31.24
N TYR B 93 -3.46 0.41 31.71
CA TYR B 93 -4.14 1.33 30.83
C TYR B 93 -3.25 1.78 29.68
N ALA B 94 -1.99 2.04 29.96
CA ALA B 94 -1.10 2.40 28.89
C ALA B 94 -1.01 1.29 27.86
N ASP B 95 -0.92 0.07 28.33
CA ASP B 95 -0.84 -1.08 27.47
C ASP B 95 -2.11 -1.22 26.65
N MET B 96 -3.24 -1.10 27.29
CA MET B 96 -4.52 -1.24 26.65
C MET B 96 -4.72 -0.18 25.55
N ILE B 97 -4.30 1.03 25.83
CA ILE B 97 -4.33 2.08 24.83
C ILE B 97 -3.41 1.80 23.64
N PHE B 98 -2.23 1.34 23.92
CA PHE B 98 -1.33 0.96 22.85
C PHE B 98 -1.93 -0.16 21.99
N CYS B 99 -2.58 -1.12 22.62
CA CYS B 99 -3.22 -2.16 21.87
C CYS B 99 -4.27 -1.60 20.95
N GLY B 100 -5.00 -0.61 21.44
CA GLY B 100 -5.98 0.05 20.63
C GLY B 100 -5.35 0.78 19.45
N VAL B 101 -4.27 1.48 19.72
CA VAL B 101 -3.54 2.14 18.67
C VAL B 101 -3.11 1.09 17.63
N GLN B 102 -2.69 -0.07 18.07
CA GLN B 102 -2.24 -1.06 17.15
C GLN B 102 -3.36 -1.48 16.20
N ASP B 103 -4.58 -1.54 16.69
CA ASP B 103 -5.68 -1.99 15.88
C ASP B 103 -5.97 -1.03 14.74
N ILE B 104 -6.13 0.23 15.07
CA ILE B 104 -6.33 1.27 14.09
C ILE B 104 -5.12 1.57 13.18
N HIS B 105 -3.92 1.48 13.72
CA HIS B 105 -2.75 1.67 12.92
C HIS B 105 -2.65 0.61 11.82
N TYR B 106 -2.97 -0.62 12.14
CA TYR B 106 -2.98 -1.66 11.16
C TYR B 106 -4.04 -1.39 10.11
N LYS B 107 -5.22 -0.95 10.54
CA LYS B 107 -6.28 -0.65 9.60
C LYS B 107 -5.82 0.44 8.64
N PHE B 108 -5.12 1.43 9.15
CA PHE B 108 -4.60 2.47 8.27
C PHE B 108 -3.65 1.87 7.26
N ASN B 109 -2.79 0.98 7.68
CA ASN B 109 -1.89 0.32 6.77
C ASN B 109 -2.53 -0.69 5.87
N ASN B 110 -3.76 -1.04 6.13
CA ASN B 110 -4.52 -1.89 5.26
C ASN B 110 -5.45 -1.16 4.32
N THR B 111 -5.44 0.14 4.40
CA THR B 111 -6.24 1.00 3.40
CA THR B 111 -6.23 1.04 3.48
C THR B 111 -5.52 1.75 2.22
N ASN B 112 -6.02 1.43 1.05
CA ASN B 112 -5.45 1.98 -0.15
C ASN B 112 -6.46 2.09 -1.26
N LEU B 113 -6.03 2.77 -2.29
CA LEU B 113 -6.85 3.07 -3.43
C LEU B 113 -7.31 1.82 -4.13
N PHE B 114 -6.43 0.88 -4.31
CA PHE B 114 -6.74 -0.30 -5.04
C PHE B 114 -7.86 -1.06 -4.36
N LYS B 115 -7.85 -1.07 -3.03
CA LYS B 115 -8.81 -1.82 -2.26
C LYS B 115 -10.14 -1.10 -2.09
N GLN B 116 -10.19 0.17 -2.46
CA GLN B 116 -11.40 0.96 -2.41
C GLN B 116 -11.99 1.06 -1.04
N ASN B 117 -11.12 1.01 -0.05
CA ASN B 117 -11.51 1.11 1.33
C ASN B 117 -11.13 2.42 2.00
N GLU B 118 -10.64 3.36 1.24
CA GLU B 118 -10.24 4.64 1.79
C GLU B 118 -11.42 5.41 2.36
N THR B 119 -12.50 5.46 1.63
CA THR B 119 -13.66 6.19 2.13
C THR B 119 -14.24 5.59 3.38
N THR B 120 -14.32 4.29 3.47
CA THR B 120 -14.77 3.71 4.71
C THR B 120 -13.83 4.05 5.85
N PHE B 121 -12.53 3.98 5.61
CA PHE B 121 -11.58 4.31 6.66
C PHE B 121 -11.73 5.76 7.09
N LEU B 122 -11.77 6.67 6.13
CA LEU B 122 -11.89 8.08 6.43
C LEU B 122 -13.20 8.45 7.08
N ASN B 123 -14.26 7.79 6.67
CA ASN B 123 -15.61 8.10 7.09
C ASN B 123 -16.18 7.29 8.22
N GLU B 124 -15.69 6.09 8.40
CA GLU B 124 -16.24 5.27 9.42
C GLU B 124 -15.21 5.00 10.54
N ASP B 125 -14.08 4.41 10.21
CA ASP B 125 -13.26 3.65 11.12
C ASP B 125 -12.47 4.71 11.94
N LEU B 126 -11.86 5.64 11.24
CA LEU B 126 -11.01 6.61 11.88
C LEU B 126 -11.75 7.55 12.81
N PRO B 127 -12.91 8.00 12.38
CA PRO B 127 -13.72 8.86 13.25
C PRO B 127 -14.11 8.12 14.52
N LYS B 128 -14.45 6.86 14.35
CA LYS B 128 -14.82 6.05 15.45
C LYS B 128 -13.70 5.84 16.45
N TRP B 129 -12.52 5.51 15.97
CA TRP B 129 -11.35 5.39 16.81
C TRP B 129 -10.89 6.69 17.43
N SER B 130 -10.97 7.77 16.69
CA SER B 130 -10.62 9.07 17.20
C SER B 130 -11.54 9.44 18.36
N GLY B 131 -12.80 9.09 18.24
CA GLY B 131 -13.74 9.24 19.31
C GLY B 131 -13.40 8.45 20.55
N TYR B 132 -12.92 7.23 20.39
CA TYR B 132 -12.51 6.45 21.51
C TYR B 132 -11.34 7.14 22.18
N PHE B 133 -10.37 7.61 21.43
CA PHE B 133 -9.21 8.23 22.03
C PHE B 133 -9.58 9.54 22.72
N GLU B 134 -10.45 10.29 22.10
CA GLU B 134 -10.86 11.58 22.66
C GLU B 134 -11.53 11.39 24.00
N LYS B 135 -12.37 10.38 24.09
CA LYS B 135 -13.01 10.04 25.33
C LYS B 135 -12.05 9.58 26.41
N LEU B 136 -11.04 8.82 26.02
CA LEU B 136 -10.02 8.43 26.96
C LEU B 136 -9.25 9.64 27.48
N LEU B 137 -8.95 10.58 26.62
CA LEU B 137 -8.30 11.78 27.06
C LEU B 137 -9.19 12.56 28.01
N LYS B 138 -10.47 12.64 27.73
CA LYS B 138 -11.38 13.38 28.60
C LYS B 138 -11.42 12.79 30.00
N LYS B 139 -11.45 11.48 30.09
CA LYS B 139 -11.50 10.80 31.35
C LYS B 139 -10.29 11.14 32.21
N ASN B 140 -9.15 11.33 31.61
CA ASN B 140 -7.96 11.57 32.38
C ASN B 140 -7.62 13.03 32.46
N ASP B 147 -0.59 22.06 30.97
CA ASP B 147 -1.35 22.95 30.15
C LYS B 148 -1.44 18.20 29.50
N TYR B 149 -1.52 17.40 28.44
CA TYR B 149 -2.52 16.34 28.26
C TYR B 149 -1.88 14.98 28.26
N TYR B 150 -2.33 14.07 29.08
CA TYR B 150 -1.78 12.71 29.06
C TYR B 150 -2.89 11.68 29.02
N PHE B 151 -2.65 10.59 28.32
CA PHE B 151 -3.58 9.49 28.35
C PHE B 151 -3.64 8.82 29.70
N VAL B 152 -2.50 8.71 30.35
CA VAL B 152 -2.40 7.92 31.55
C VAL B 152 -1.69 8.66 32.69
N GLY B 153 -2.35 8.75 33.81
CA GLY B 153 -1.77 9.39 34.97
C GLY B 153 -1.45 10.84 34.72
N ASN B 154 -0.38 11.33 35.32
CA ASN B 154 0.05 12.69 35.12
C ASN B 154 1.42 12.87 34.54
N ASN B 155 1.92 11.86 33.84
CA ASN B 155 3.21 11.93 33.22
C ASN B 155 3.12 11.24 31.88
N LEU B 156 4.11 11.46 31.05
CA LEU B 156 4.11 10.90 29.75
C LEU B 156 4.35 9.42 29.81
N THR B 157 3.66 8.69 28.95
CA THR B 157 3.87 7.28 28.75
C THR B 157 3.98 6.99 27.29
N TYR B 158 4.36 5.77 26.98
CA TYR B 158 4.54 5.39 25.62
C TYR B 158 3.24 5.45 24.87
N ALA B 159 2.13 5.39 25.56
CA ALA B 159 0.86 5.46 24.90
C ALA B 159 0.70 6.83 24.23
N ASP B 160 1.19 7.85 24.89
CA ASP B 160 1.10 9.20 24.35
C ASP B 160 1.88 9.29 23.06
N LEU B 161 3.08 8.75 23.08
CA LEU B 161 3.90 8.73 21.92
C LEU B 161 3.30 7.90 20.79
N ALA B 162 2.69 6.79 21.16
CA ALA B 162 2.06 5.92 20.18
C ALA B 162 0.89 6.59 19.47
N VAL B 163 0.07 7.28 20.24
CA VAL B 163 -1.04 8.03 19.70
C VAL B 163 -0.57 9.16 18.81
N PHE B 164 0.49 9.84 19.22
CA PHE B 164 1.07 10.85 18.36
C PHE B 164 1.56 10.25 17.06
N ASN B 165 2.25 9.13 17.14
CA ASN B 165 2.83 8.51 16.00
C ASN B 165 1.76 8.04 15.04
N LEU B 166 0.66 7.53 15.56
CA LEU B 166 -0.40 7.04 14.71
C LEU B 166 -1.01 8.11 13.80
N TYR B 167 -1.43 9.19 14.41
CA TYR B 167 -1.93 10.31 13.67
C TYR B 167 -0.88 10.99 12.79
N ASP B 168 0.34 11.05 13.24
CA ASP B 168 1.38 11.60 12.44
C ASP B 168 1.53 10.77 11.15
N ASP B 169 1.44 9.45 11.27
CA ASP B 169 1.53 8.59 10.12
C ASP B 169 0.33 8.83 9.21
N ILE B 170 -0.85 8.88 9.79
CA ILE B 170 -2.06 8.97 9.03
C ILE B 170 -2.07 10.25 8.25
N GLU B 171 -1.61 11.29 8.91
CA GLU B 171 -1.53 12.63 8.34
C GLU B 171 -0.63 12.74 7.13
N THR B 172 0.33 11.86 7.00
CA THR B 172 1.14 11.84 5.81
C THR B 172 0.34 11.47 4.59
N LYS B 173 -0.62 10.61 4.76
CA LYS B 173 -1.36 10.12 3.63
C LYS B 173 -2.69 10.76 3.47
N TYR B 174 -3.36 11.02 4.56
CA TYR B 174 -4.66 11.60 4.53
C TYR B 174 -4.71 12.80 5.46
N LEU B 178 -8.18 16.11 12.78
CA LEU B 178 -8.36 16.25 14.21
C LEU B 178 -9.12 17.48 14.68
N LYS B 179 -9.53 18.35 13.77
C LYS B 179 -11.48 19.05 14.92
N ASN B 180 -11.95 17.91 14.49
CA ASN B 180 -13.11 17.32 15.08
C ASN B 180 -12.87 16.84 16.47
N PHE B 181 -11.61 16.77 16.88
CA PHE B 181 -11.30 16.14 18.15
C PHE B 181 -10.38 17.01 18.96
N PRO B 182 -10.99 17.83 19.80
CA PRO B 182 -10.25 18.92 20.44
C PRO B 182 -9.10 18.52 21.35
N LEU B 183 -9.34 17.60 22.24
CA LEU B 183 -8.29 17.13 23.10
C LEU B 183 -7.18 16.43 22.34
N LEU B 184 -7.58 15.63 21.38
CA LEU B 184 -6.65 14.83 20.65
C LEU B 184 -5.74 15.72 19.89
N LYS B 185 -6.29 16.78 19.33
CA LYS B 185 -5.48 17.73 18.61
C LYS B 185 -4.51 18.41 19.52
N ALA B 186 -4.98 18.83 20.67
CA ALA B 186 -4.16 19.49 21.66
C ALA B 186 -3.06 18.58 22.19
N HIS B 187 -3.42 17.33 22.44
CA HIS B 187 -2.47 16.32 22.86
C HIS B 187 -1.42 16.11 21.81
N ASN B 188 -1.81 16.03 20.55
CA ASN B 188 -0.85 15.85 19.49
C ASN B 188 0.12 17.02 19.36
N GLU B 189 -0.40 18.22 19.49
CA GLU B 189 0.44 19.38 19.43
C GLU B 189 1.43 19.41 20.57
N PHE B 190 0.96 19.06 21.74
CA PHE B 190 1.80 19.02 22.91
C PHE B 190 2.97 18.07 22.75
N ILE B 191 2.71 16.85 22.28
CA ILE B 191 3.80 15.93 22.07
C ILE B 191 4.76 16.42 20.99
N SER B 192 4.23 16.99 19.94
CA SER B 192 5.03 17.42 18.83
C SER B 192 5.99 18.50 19.25
N ASN B 193 5.61 19.23 20.27
CA ASN B 193 6.39 20.35 20.75
C ASN B 193 7.34 20.06 21.89
N LEU B 194 7.34 18.84 22.40
CA LEU B 194 8.31 18.48 23.40
C LEU B 194 9.61 18.63 22.73
N PRO B 195 10.57 19.20 23.42
CA PRO B 195 11.75 19.66 22.72
C PRO B 195 12.50 18.57 22.03
N ASN B 196 12.68 17.43 22.67
CA ASN B 196 13.39 16.36 22.02
C ASN B 196 12.65 15.83 20.79
N ILE B 197 11.33 15.78 20.88
CA ILE B 197 10.51 15.34 19.78
C ILE B 197 10.53 16.32 18.61
N LYS B 198 10.38 17.59 18.91
CA LYS B 198 10.35 18.64 17.90
C LYS B 198 11.62 18.65 17.13
N ASN B 199 12.70 18.52 17.83
CA ASN B 199 13.95 18.43 17.16
C ASN B 199 14.07 17.23 16.28
N TYR B 200 13.65 16.07 16.76
CA TYR B 200 13.79 14.85 16.00
C TYR B 200 13.02 15.00 14.71
N ILE B 201 11.83 15.53 14.84
CA ILE B 201 10.91 15.67 13.74
C ILE B 201 11.45 16.64 12.70
N THR B 202 11.99 17.74 13.15
CA THR B 202 12.53 18.69 12.20
C THR B 202 13.66 18.08 11.42
N ASN B 203 14.50 17.28 12.05
CA ASN B 203 15.60 16.65 11.36
C ASN B 203 15.29 15.46 10.47
N ARG B 204 14.08 14.95 10.58
CA ARG B 204 13.71 13.70 9.96
C ARG B 204 13.37 13.79 8.48
N LYS B 205 13.96 12.91 7.70
CA LYS B 205 13.64 12.81 6.29
C LYS B 205 12.22 12.37 6.09
#